data_9LNK
#
_entry.id   9LNK
#
_cell.length_a   52.640
_cell.length_b   96.850
_cell.length_c   167.390
_cell.angle_alpha   90.00
_cell.angle_beta   90.00
_cell.angle_gamma   90.00
#
_symmetry.space_group_name_H-M   'P 21 21 21'
#
loop_
_entity.id
_entity.type
_entity.pdbx_description
1 polymer VANC21
2 polymer 'VANC21 binding DNA fragment (motif strand)'
3 polymer 'VANC21 binding DNA fragment (complementary strand)'
4 non-polymer 'ZINC ION'
5 water water
#
loop_
_entity_poly.entity_id
_entity_poly.type
_entity_poly.pdbx_seq_one_letter_code
_entity_poly.pdbx_strand_id
1 'polypeptide(L)'
;MGHHHHHHHHHHSSGENLYFQGSHAMQPLGMYFPASEYTKKMKLATRCYISEVLKTFADLEHPLTNVEKNYFMEHPSFKH
IYHLPSGYTHKLMGMWMLFLRTASIEKKKEVWFVVNGVPIRYGIREHALISGFNCKAYPANYQSAGNMNFANRYFKTGVI
RREDVKTKLMEMEPARSKDRLRMAVLYFLTSIIAVPTKTGERASPIDDFCVRAASDLTFCKTFPWGRYSFEYMLKSISHT
LDHFNGVVPNTQSPWPVPGFCVPLEFLAFEAIPSLRERFIEEKEGSHAGCPRMCKVSFKRTEMKGFTLEQINHVLGTTEV
IESIIREKAEEVPLLAEITGVEDDVDKHDVVVDSWMKRLGQGREIRFEEVYNEDVHARMEAPN
;
A
2 'polydeoxyribonucleotide' (3D1)(DC)(DC)(DA)(DG)(DT)(DA)(DT)(DT)(DA)(DC)(DT)(DT)(DT)(DT) B
3 'polydeoxyribonucleotide' (3D1)(DA)(DG)(DT)(DA)(DA)(DT)(DA)(DC)(DT)(DG)(DG)(DT)(DA)(DA) C
#
# COMPACT_ATOMS: atom_id res chain seq x y z
N PHE A 20 9.37 -36.31 12.24
CA PHE A 20 8.55 -35.14 12.53
C PHE A 20 8.90 -34.02 11.59
N GLN A 21 8.18 -33.90 10.49
CA GLN A 21 8.45 -32.87 9.52
C GLN A 21 7.82 -31.55 9.88
N GLY A 22 7.84 -31.20 11.15
CA GLY A 22 7.36 -29.90 11.53
C GLY A 22 6.10 -29.72 12.28
N SER A 23 5.97 -28.58 12.90
CA SER A 23 4.78 -28.28 13.61
C SER A 23 3.65 -28.12 12.60
N HIS A 24 2.43 -28.43 12.99
CA HIS A 24 1.29 -28.44 12.07
C HIS A 24 0.70 -27.04 11.93
N ALA A 25 0.32 -26.68 10.71
CA ALA A 25 -0.31 -25.40 10.43
C ALA A 25 -1.80 -25.60 10.20
N MET A 26 -2.63 -24.88 10.96
CA MET A 26 -4.07 -25.07 10.93
C MET A 26 -4.70 -24.33 9.76
N GLN A 27 -5.79 -24.89 9.24
CA GLN A 27 -6.56 -24.21 8.21
C GLN A 27 -7.15 -22.93 8.78
N PRO A 28 -7.39 -21.92 7.95
CA PRO A 28 -8.06 -20.72 8.44
C PRO A 28 -9.44 -21.04 8.99
N LEU A 29 -9.86 -20.22 9.97
CA LEU A 29 -11.20 -20.36 10.52
C LEU A 29 -12.27 -20.17 9.44
N GLY A 30 -12.09 -19.20 8.57
CA GLY A 30 -12.98 -19.00 7.45
C GLY A 30 -12.34 -18.07 6.44
N MET A 31 -13.07 -17.83 5.36
CA MET A 31 -12.61 -16.95 4.30
C MET A 31 -13.70 -15.94 3.98
N TYR A 32 -13.27 -14.76 3.55
CA TYR A 32 -14.25 -13.71 3.31
C TYR A 32 -15.08 -14.02 2.08
N PHE A 33 -14.52 -14.72 1.10
CA PHE A 33 -15.20 -14.99 -0.15
C PHE A 33 -15.18 -16.48 -0.44
N PRO A 34 -16.29 -17.06 -0.88
CA PRO A 34 -16.23 -18.44 -1.39
C PRO A 34 -15.50 -18.44 -2.72
N ALA A 35 -14.93 -19.61 -3.07
CA ALA A 35 -14.15 -19.73 -4.30
C ALA A 35 -14.98 -19.56 -5.57
N SER A 36 -16.31 -19.48 -5.47
CA SER A 36 -17.12 -19.13 -6.63
C SER A 36 -16.93 -17.66 -7.07
N GLU A 37 -16.31 -16.81 -6.24
CA GLU A 37 -16.15 -15.41 -6.60
C GLU A 37 -14.80 -15.12 -7.24
N TYR A 38 -13.92 -16.10 -7.32
CA TYR A 38 -12.54 -15.90 -7.78
C TYR A 38 -12.44 -15.41 -9.23
N THR A 39 -13.43 -15.66 -10.07
CA THR A 39 -13.42 -15.23 -11.46
C THR A 39 -14.19 -13.93 -11.69
N LYS A 40 -14.66 -13.28 -10.63
CA LYS A 40 -15.56 -12.14 -10.79
C LYS A 40 -14.74 -10.86 -10.84
N LYS A 41 -14.81 -10.18 -11.98
CA LYS A 41 -14.01 -8.98 -12.12
C LYS A 41 -14.74 -7.77 -11.51
N MET A 42 -13.95 -6.82 -11.04
CA MET A 42 -14.41 -5.58 -10.43
C MET A 42 -13.52 -4.44 -10.91
N LYS A 43 -14.13 -3.30 -11.08
CA LYS A 43 -13.38 -2.07 -11.24
C LYS A 43 -13.07 -1.53 -9.84
N LEU A 44 -11.81 -1.19 -9.60
CA LEU A 44 -11.36 -0.70 -8.32
C LEU A 44 -10.79 0.69 -8.50
N ALA A 45 -11.19 1.59 -7.63
CA ALA A 45 -10.81 2.99 -7.69
C ALA A 45 -9.71 3.25 -6.67
N THR A 46 -8.51 3.61 -7.16
CA THR A 46 -7.46 4.12 -6.26
C THR A 46 -7.78 5.55 -5.78
N ARG A 47 -7.11 5.94 -4.69
CA ARG A 47 -7.10 7.31 -4.15
C ARG A 47 -5.68 7.50 -3.65
N CYS A 48 -4.76 7.68 -4.59
CA CYS A 48 -3.34 7.74 -4.35
C CYS A 48 -2.76 8.41 -5.57
N TYR A 49 -2.78 9.74 -5.56
CA TYR A 49 -2.55 10.50 -6.78
C TYR A 49 -1.07 10.81 -6.95
N ILE A 50 -0.26 9.75 -7.09
CA ILE A 50 1.18 9.91 -7.26
C ILE A 50 1.48 10.77 -8.49
N SER A 51 0.81 10.54 -9.59
CA SER A 51 1.16 11.28 -10.78
C SER A 51 0.75 12.73 -10.72
N GLU A 52 -0.37 13.00 -10.11
CA GLU A 52 -0.85 14.35 -10.06
C GLU A 52 0.02 15.20 -9.22
N VAL A 53 0.45 14.70 -8.10
CA VAL A 53 1.21 15.53 -7.21
C VAL A 53 2.45 15.96 -7.92
N LEU A 54 3.09 15.03 -8.57
CA LEU A 54 4.35 15.34 -9.19
C LEU A 54 4.19 16.31 -10.33
N LYS A 55 3.11 16.22 -11.05
CA LYS A 55 2.84 17.16 -12.12
C LYS A 55 2.51 18.52 -11.56
N THR A 56 1.74 18.56 -10.49
CA THR A 56 1.41 19.80 -9.87
C THR A 56 2.66 20.47 -9.40
N PHE A 57 3.57 19.72 -8.82
CA PHE A 57 4.79 20.30 -8.33
C PHE A 57 5.67 20.80 -9.44
N ALA A 58 5.67 20.13 -10.57
CA ALA A 58 6.56 20.49 -11.65
C ALA A 58 6.03 21.57 -12.51
N ASP A 59 4.77 21.88 -12.38
CA ASP A 59 4.14 22.88 -13.24
C ASP A 59 3.77 24.14 -12.49
N LEU A 60 4.20 24.28 -11.24
CA LEU A 60 3.93 25.50 -10.49
C LEU A 60 4.45 26.71 -11.25
N GLU A 61 3.56 27.71 -11.40
CA GLU A 61 3.91 28.93 -12.11
C GLU A 61 5.18 29.55 -11.53
N HIS A 62 5.30 29.53 -10.21
CA HIS A 62 6.55 29.87 -9.53
C HIS A 62 7.21 28.60 -9.06
N PRO A 63 8.33 28.19 -9.66
CA PRO A 63 8.79 26.81 -9.47
C PRO A 63 9.19 26.51 -8.03
N LEU A 64 9.48 25.25 -7.74
CA LEU A 64 9.95 24.91 -6.41
C LEU A 64 11.42 25.27 -6.29
N THR A 65 11.81 25.85 -5.16
CA THR A 65 13.21 26.08 -4.89
C THR A 65 13.94 24.75 -4.67
N ASN A 66 15.27 24.79 -4.75
CA ASN A 66 16.11 23.64 -4.45
C ASN A 66 15.72 22.99 -3.14
N VAL A 67 15.61 23.79 -2.08
CA VAL A 67 15.26 23.25 -0.77
C VAL A 67 13.87 22.64 -0.79
N GLU A 68 12.92 23.32 -1.44
CA GLU A 68 11.59 22.74 -1.62
C GLU A 68 11.66 21.43 -2.39
N LYS A 69 12.37 21.43 -3.53
CA LYS A 69 12.54 20.21 -4.32
C LYS A 69 13.24 19.12 -3.52
N ASN A 70 14.40 19.43 -2.96
CA ASN A 70 15.19 18.40 -2.28
C ASN A 70 14.49 17.92 -1.02
N TYR A 71 13.58 18.71 -0.45
CA TYR A 71 12.82 18.22 0.70
C TYR A 71 12.10 16.92 0.36
N PHE A 72 11.55 16.81 -0.86
CA PHE A 72 10.86 15.58 -1.23
C PHE A 72 11.80 14.57 -1.89
N MET A 73 12.75 15.04 -2.70
CA MET A 73 13.63 14.13 -3.44
C MET A 73 14.66 13.45 -2.55
N GLU A 74 14.93 14.00 -1.36
CA GLU A 74 15.84 13.39 -0.40
C GLU A 74 15.11 13.04 0.90
N HIS A 75 13.78 12.97 0.86
CA HIS A 75 13.01 12.63 2.05
C HIS A 75 13.27 11.18 2.47
N PRO A 76 13.55 10.90 3.75
CA PRO A 76 13.84 9.52 4.19
C PRO A 76 12.79 8.48 3.75
N SER A 77 11.52 8.86 3.66
CA SER A 77 10.47 7.99 3.12
C SER A 77 10.21 8.29 1.65
N PHE A 78 9.88 9.53 1.32
CA PHE A 78 9.26 9.86 0.03
C PHE A 78 10.25 9.99 -1.12
N LYS A 79 11.55 9.88 -0.90
CA LYS A 79 12.46 9.90 -2.04
C LYS A 79 12.19 8.76 -3.00
N HIS A 80 11.59 7.66 -2.51
CA HIS A 80 11.30 6.51 -3.35
C HIS A 80 10.13 6.75 -4.28
N ILE A 81 9.23 7.67 -3.93
CA ILE A 81 8.20 8.15 -4.85
C ILE A 81 8.81 8.66 -6.16
N TYR A 82 10.05 9.15 -6.11
CA TYR A 82 10.71 9.65 -7.31
C TYR A 82 11.44 8.56 -8.09
N HIS A 83 11.65 7.40 -7.48
CA HIS A 83 12.24 6.27 -8.20
C HIS A 83 11.20 5.45 -8.94
N LEU A 84 9.91 5.74 -8.73
CA LEU A 84 8.84 5.12 -9.48
C LEU A 84 8.87 5.60 -10.93
N PRO A 85 8.30 4.82 -11.84
CA PRO A 85 8.23 5.25 -13.24
C PRO A 85 7.42 6.53 -13.45
N SER A 86 7.84 7.32 -14.43
CA SER A 86 7.12 8.54 -14.79
C SER A 86 5.68 8.22 -15.21
N GLY A 87 4.76 9.10 -14.80
CA GLY A 87 3.34 8.91 -15.09
C GLY A 87 2.76 7.65 -14.49
N TYR A 88 3.14 7.34 -13.25
CA TYR A 88 2.73 6.11 -12.58
C TYR A 88 1.24 5.90 -12.62
N THR A 89 0.85 4.71 -13.07
CA THR A 89 -0.53 4.34 -13.12
C THR A 89 -0.62 3.04 -12.36
N HIS A 90 -1.64 2.89 -11.55
CA HIS A 90 -1.80 1.71 -10.74
C HIS A 90 -2.41 0.56 -11.49
N LYS A 91 -2.00 -0.65 -11.14
CA LYS A 91 -2.54 -1.86 -11.75
C LYS A 91 -3.04 -2.69 -10.62
N LEU A 92 -4.34 -2.96 -10.61
CA LEU A 92 -4.96 -3.58 -9.45
C LEU A 92 -5.54 -4.99 -9.44
N MET A 93 -5.46 -5.74 -10.51
CA MET A 93 -6.07 -7.06 -10.44
C MET A 93 -5.25 -8.06 -9.65
N GLY A 94 -3.95 -7.81 -9.45
CA GLY A 94 -3.20 -8.58 -8.48
C GLY A 94 -3.74 -8.37 -7.06
N MET A 95 -3.90 -7.11 -6.68
CA MET A 95 -4.49 -6.78 -5.39
C MET A 95 -5.87 -7.41 -5.23
N TRP A 96 -6.68 -7.36 -6.29
CA TRP A 96 -8.04 -7.87 -6.18
C TRP A 96 -8.04 -9.39 -6.05
N MET A 97 -7.16 -10.05 -6.80
CA MET A 97 -6.98 -11.49 -6.63
C MET A 97 -6.65 -11.83 -5.18
N LEU A 98 -5.72 -11.08 -4.58
CA LEU A 98 -5.42 -11.24 -3.18
C LEU A 98 -6.67 -11.05 -2.33
N PHE A 99 -7.42 -9.96 -2.59
CA PHE A 99 -8.53 -9.62 -1.71
C PHE A 99 -9.55 -10.74 -1.69
N LEU A 100 -9.81 -11.33 -2.86
CA LEU A 100 -10.79 -12.42 -2.96
C LEU A 100 -10.39 -13.60 -2.12
N ARG A 101 -9.13 -13.66 -1.69
CA ARG A 101 -8.64 -14.79 -0.92
C ARG A 101 -8.28 -14.40 0.51
N THR A 102 -8.83 -13.29 1.02
CA THR A 102 -8.52 -12.89 2.39
C THR A 102 -9.07 -13.92 3.36
N ALA A 103 -8.23 -14.39 4.26
CA ALA A 103 -8.67 -15.30 5.31
C ALA A 103 -9.21 -14.50 6.48
N SER A 104 -10.23 -15.05 7.14
CA SER A 104 -10.74 -14.49 8.37
C SER A 104 -9.85 -14.94 9.53
N ILE A 105 -9.19 -13.99 10.19
CA ILE A 105 -8.26 -14.30 11.27
C ILE A 105 -8.55 -13.37 12.43
N GLU A 106 -7.87 -13.64 13.55
CA GLU A 106 -8.05 -12.81 14.74
C GLU A 106 -7.18 -11.57 14.73
N LYS A 107 -6.00 -11.65 14.12
CA LYS A 107 -5.08 -10.52 14.10
C LYS A 107 -5.74 -9.31 13.46
N LYS A 108 -5.31 -8.13 13.89
CA LYS A 108 -5.84 -6.89 13.34
C LYS A 108 -4.79 -5.99 12.71
N LYS A 109 -3.51 -6.25 12.95
CA LYS A 109 -2.43 -5.42 12.43
C LYS A 109 -1.75 -6.04 11.23
N GLU A 110 -2.29 -7.14 10.72
CA GLU A 110 -1.73 -7.78 9.55
C GLU A 110 -2.85 -8.51 8.82
N VAL A 111 -2.69 -8.66 7.52
CA VAL A 111 -3.67 -9.40 6.72
C VAL A 111 -2.98 -10.60 6.07
N TRP A 112 -3.72 -11.68 5.93
CA TRP A 112 -3.25 -12.86 5.22
C TRP A 112 -4.20 -13.21 4.08
N PHE A 113 -3.62 -13.67 2.96
CA PHE A 113 -4.34 -14.11 1.78
C PHE A 113 -3.91 -15.53 1.40
N VAL A 114 -4.87 -16.42 1.17
CA VAL A 114 -4.56 -17.82 0.89
C VAL A 114 -4.73 -18.07 -0.60
N VAL A 115 -3.61 -18.27 -1.29
CA VAL A 115 -3.54 -18.34 -2.75
C VAL A 115 -3.00 -19.71 -3.11
N ASN A 116 -3.75 -20.47 -3.90
CA ASN A 116 -3.39 -21.85 -4.20
C ASN A 116 -3.05 -22.59 -2.92
N GLY A 117 -3.81 -22.31 -1.87
CA GLY A 117 -3.64 -23.00 -0.61
C GLY A 117 -2.44 -22.59 0.22
N VAL A 118 -1.76 -21.49 -0.14
CA VAL A 118 -0.56 -21.00 0.55
C VAL A 118 -0.90 -19.65 1.18
N PRO A 119 -0.78 -19.50 2.49
CA PRO A 119 -1.05 -18.19 3.11
C PRO A 119 0.08 -17.22 2.81
N ILE A 120 -0.31 -15.97 2.52
CA ILE A 120 0.61 -14.88 2.21
C ILE A 120 0.30 -13.72 3.14
N ARG A 121 1.32 -13.20 3.82
CA ARG A 121 1.10 -12.17 4.83
C ARG A 121 1.34 -10.78 4.28
N TYR A 122 0.42 -9.87 4.58
CA TYR A 122 0.66 -8.46 4.36
C TYR A 122 0.69 -7.77 5.74
N GLY A 123 1.89 -7.60 6.28
CA GLY A 123 2.11 -6.85 7.50
C GLY A 123 3.01 -5.65 7.26
N ILE A 124 3.26 -4.91 8.34
CA ILE A 124 4.04 -3.69 8.22
C ILE A 124 5.43 -3.98 7.66
N ARG A 125 5.98 -5.15 7.96
CA ARG A 125 7.28 -5.52 7.38
C ARG A 125 7.21 -5.60 5.86
N GLU A 126 6.09 -6.09 5.32
CA GLU A 126 5.94 -6.20 3.88
C GLU A 126 5.64 -4.83 3.25
N HIS A 127 4.86 -3.99 3.94
CA HIS A 127 4.64 -2.63 3.48
C HIS A 127 5.97 -1.86 3.40
N ALA A 128 6.91 -2.18 4.29
CA ALA A 128 8.18 -1.45 4.29
C ALA A 128 9.15 -1.96 3.23
N LEU A 129 9.23 -3.27 3.02
CA LEU A 129 10.15 -3.82 2.04
C LEU A 129 9.80 -3.39 0.61
N ILE A 130 8.54 -3.13 0.33
CA ILE A 130 8.13 -2.73 -1.01
C ILE A 130 8.17 -1.22 -1.20
N SER A 131 7.67 -0.45 -0.23
CA SER A 131 7.63 1.00 -0.35
C SER A 131 8.91 1.71 0.10
N GLY A 132 9.63 1.16 1.08
CA GLY A 132 10.77 1.84 1.63
C GLY A 132 10.43 2.95 2.62
N PHE A 133 9.14 3.19 2.89
CA PHE A 133 8.77 4.21 3.84
C PHE A 133 9.16 3.80 5.26
N ASN A 134 9.35 4.80 6.12
CA ASN A 134 9.64 4.56 7.52
C ASN A 134 8.47 3.87 8.23
N CYS A 135 8.75 2.70 8.82
CA CYS A 135 7.73 1.93 9.54
C CYS A 135 8.19 1.62 10.95
N LYS A 136 8.99 2.49 11.53
CA LYS A 136 9.37 2.37 12.92
C LYS A 136 8.19 2.81 13.78
N ALA A 137 8.34 2.66 15.09
CA ALA A 137 7.29 3.04 16.03
C ALA A 137 7.07 4.54 15.99
N TYR A 138 5.86 4.95 16.31
CA TYR A 138 5.54 6.36 16.34
C TYR A 138 6.35 7.05 17.43
N PRO A 139 6.82 8.27 17.22
CA PRO A 139 7.43 9.03 18.32
C PRO A 139 6.45 9.18 19.47
N ALA A 140 6.99 9.63 20.60
CA ALA A 140 6.18 9.81 21.80
C ALA A 140 5.17 10.93 21.60
N ASN A 141 3.93 10.67 22.01
CA ASN A 141 2.79 11.61 21.92
C ASN A 141 2.70 12.31 20.57
N TYR A 142 2.88 11.53 19.51
CA TYR A 142 2.96 12.09 18.15
C TYR A 142 1.71 12.82 17.71
N GLN A 143 0.54 12.50 18.28
CA GLN A 143 -0.69 13.17 17.88
C GLN A 143 -0.67 14.65 18.24
N SER A 144 -0.04 15.00 19.37
CA SER A 144 0.03 16.40 19.79
C SER A 144 0.88 17.25 18.85
N ALA A 145 1.70 16.62 18.01
CA ALA A 145 2.58 17.34 17.10
C ALA A 145 1.82 18.39 16.32
N GLY A 146 2.52 19.46 15.97
CA GLY A 146 1.95 20.54 15.21
C GLY A 146 1.02 21.43 16.01
N ASN A 147 0.36 22.30 15.27
CA ASN A 147 -0.68 23.19 15.75
C ASN A 147 -1.53 23.56 14.54
N MET A 148 -2.60 24.29 14.77
CA MET A 148 -3.47 24.70 13.68
C MET A 148 -3.11 26.09 13.13
N ASN A 149 -1.99 26.66 13.57
CA ASN A 149 -1.61 28.01 13.15
C ASN A 149 -1.36 28.07 11.65
N PHE A 150 -0.61 27.10 11.10
CA PHE A 150 -0.32 27.12 9.67
C PHE A 150 -1.59 27.11 8.84
N ALA A 151 -2.53 26.24 9.16
CA ALA A 151 -3.72 26.16 8.33
C ALA A 151 -4.66 27.33 8.56
N ASN A 152 -4.66 27.89 9.78
CA ASN A 152 -5.47 29.09 10.02
C ASN A 152 -4.95 30.30 9.28
N ARG A 153 -3.70 30.28 8.85
CA ARG A 153 -3.16 31.38 8.06
C ARG A 153 -3.60 31.33 6.61
N TYR A 154 -4.16 30.22 6.14
CA TYR A 154 -4.56 30.08 4.74
C TYR A 154 -5.99 29.59 4.53
N PHE A 155 -6.61 28.95 5.50
CA PHE A 155 -7.91 28.30 5.31
C PHE A 155 -8.88 28.79 6.37
N LYS A 156 -9.92 29.47 5.92
CA LYS A 156 -11.00 29.92 6.79
C LYS A 156 -11.67 28.73 7.45
N THR A 157 -12.44 29.00 8.52
CA THR A 157 -13.22 27.97 9.18
C THR A 157 -14.11 27.23 8.18
N GLY A 158 -14.12 25.91 8.27
CA GLY A 158 -14.91 25.07 7.39
C GLY A 158 -14.16 23.79 7.09
N VAL A 159 -14.65 23.06 6.08
CA VAL A 159 -13.97 21.84 5.64
C VAL A 159 -12.83 22.24 4.71
N ILE A 160 -11.71 21.57 4.87
CA ILE A 160 -10.59 21.70 3.93
C ILE A 160 -10.62 20.47 3.03
N ARG A 161 -10.93 20.66 1.76
CA ARG A 161 -10.89 19.53 0.84
C ARG A 161 -9.51 19.44 0.20
N ARG A 162 -9.22 18.27 -0.38
CA ARG A 162 -7.94 18.07 -1.04
C ARG A 162 -7.74 19.07 -2.18
N GLU A 163 -8.79 19.34 -2.97
CA GLU A 163 -8.64 20.31 -4.05
C GLU A 163 -8.35 21.70 -3.49
N ASP A 164 -8.81 22.00 -2.27
CA ASP A 164 -8.49 23.28 -1.63
C ASP A 164 -7.00 23.41 -1.35
N VAL A 165 -6.35 22.32 -0.91
CA VAL A 165 -4.92 22.37 -0.59
C VAL A 165 -4.11 22.55 -1.87
N LYS A 166 -4.44 21.78 -2.91
CA LYS A 166 -3.79 21.94 -4.20
C LYS A 166 -3.95 23.37 -4.73
N THR A 167 -5.17 23.90 -4.69
CA THR A 167 -5.43 25.23 -5.23
C THR A 167 -4.57 26.29 -4.56
N LYS A 168 -4.58 26.33 -3.22
CA LYS A 168 -3.73 27.29 -2.49
C LYS A 168 -2.28 27.18 -2.93
N LEU A 169 -1.76 25.94 -2.98
CA LEU A 169 -0.36 25.73 -3.34
C LEU A 169 -0.02 26.35 -4.68
N MET A 170 -0.86 26.13 -5.70
CA MET A 170 -0.56 26.66 -7.03
C MET A 170 -0.61 28.17 -7.07
N GLU A 171 -1.25 28.79 -6.08
CA GLU A 171 -1.43 30.24 -6.07
C GLU A 171 -0.53 30.96 -5.08
N MET A 172 -0.05 30.25 -4.07
CA MET A 172 0.77 30.88 -3.06
C MET A 172 1.96 31.52 -3.73
N GLU A 173 2.47 32.57 -3.12
CA GLU A 173 3.63 33.25 -3.66
C GLU A 173 4.83 32.76 -2.91
N PRO A 174 5.87 32.40 -3.63
CA PRO A 174 7.06 31.88 -2.99
C PRO A 174 7.73 32.95 -2.13
N ALA A 175 8.21 32.57 -0.94
CA ALA A 175 8.87 33.52 -0.04
C ALA A 175 9.71 32.88 1.05
N ARG A 176 10.41 33.69 1.83
CA ARG A 176 11.30 33.16 2.87
C ARG A 176 10.61 32.27 3.86
N SER A 177 9.41 32.61 4.28
CA SER A 177 8.72 31.70 5.14
C SER A 177 8.59 30.47 4.30
N LYS A 178 8.84 29.32 4.88
CA LYS A 178 8.77 28.10 4.13
C LYS A 178 7.37 27.56 4.21
N ASP A 179 6.40 28.44 4.18
CA ASP A 179 5.02 28.05 4.32
C ASP A 179 4.51 27.31 3.09
N ARG A 180 5.05 27.61 1.93
CA ARG A 180 4.64 26.85 0.78
C ARG A 180 5.01 25.39 0.94
N LEU A 181 6.22 25.13 1.39
CA LEU A 181 6.65 23.78 1.55
C LEU A 181 5.74 23.12 2.48
N ARG A 182 5.22 23.86 3.43
CA ARG A 182 4.26 23.21 4.31
C ARG A 182 2.99 22.85 3.56
N MET A 183 2.54 23.74 2.67
CA MET A 183 1.36 23.45 1.87
C MET A 183 1.63 22.32 0.88
N ALA A 184 2.81 22.34 0.25
CA ALA A 184 3.23 21.23 -0.59
C ALA A 184 3.16 19.90 0.18
N VAL A 185 3.73 19.87 1.39
CA VAL A 185 3.75 18.65 2.19
C VAL A 185 2.33 18.20 2.51
N LEU A 186 1.48 19.14 2.90
CA LEU A 186 0.09 18.78 3.22
C LEU A 186 -0.63 18.21 2.01
N TYR A 187 -0.45 18.85 0.85
CA TYR A 187 -0.94 18.31 -0.40
C TYR A 187 -0.41 16.92 -0.65
N PHE A 188 0.90 16.73 -0.47
CA PHE A 188 1.50 15.42 -0.68
C PHE A 188 0.89 14.36 0.25
N LEU A 189 0.92 14.61 1.55
CA LEU A 189 0.38 13.66 2.51
C LEU A 189 -1.06 13.30 2.18
N THR A 190 -1.92 14.31 2.00
CA THR A 190 -3.33 14.02 1.83
C THR A 190 -3.68 13.58 0.41
N SER A 191 -2.73 13.54 -0.52
CA SER A 191 -2.99 12.99 -1.83
C SER A 191 -2.34 11.62 -2.04
N ILE A 192 -1.46 11.17 -1.14
CA ILE A 192 -0.71 9.95 -1.39
C ILE A 192 -0.72 9.04 -0.16
N ILE A 193 -0.79 9.62 1.03
CA ILE A 193 -0.59 8.84 2.25
C ILE A 193 -1.92 8.55 2.94
N ALA A 194 -2.67 9.60 3.25
CA ALA A 194 -4.00 9.50 3.85
C ALA A 194 -4.92 10.35 3.00
N VAL A 195 -5.78 9.71 2.22
CA VAL A 195 -6.44 10.32 1.07
C VAL A 195 -7.94 10.19 1.25
N PRO A 196 -8.72 11.26 1.09
CA PRO A 196 -10.18 11.12 1.15
C PRO A 196 -10.71 10.32 -0.04
N THR A 197 -11.88 9.73 0.16
CA THR A 197 -12.54 8.98 -0.91
C THR A 197 -13.45 9.87 -1.74
N LYS A 198 -14.41 10.52 -1.09
CA LYS A 198 -15.37 11.37 -1.78
C LYS A 198 -14.66 12.55 -2.42
N THR A 199 -15.08 12.90 -3.63
CA THR A 199 -14.51 14.03 -4.37
C THR A 199 -15.61 15.01 -4.75
N GLY A 200 -15.27 16.03 -5.50
CA GLY A 200 -16.26 16.99 -5.96
C GLY A 200 -16.50 18.12 -4.97
N GLU A 201 -17.57 18.89 -5.25
CA GLU A 201 -17.91 20.04 -4.44
C GLU A 201 -18.12 19.68 -2.96
N ARG A 202 -18.45 18.42 -2.68
CA ARG A 202 -18.69 17.93 -1.33
C ARG A 202 -17.64 16.91 -0.91
N ALA A 203 -16.43 17.07 -1.42
CA ALA A 203 -15.34 16.19 -1.02
C ALA A 203 -15.20 16.17 0.49
N SER A 204 -14.83 15.01 1.01
CA SER A 204 -14.64 14.85 2.44
C SER A 204 -13.44 15.67 2.92
N PRO A 205 -13.45 16.10 4.18
CA PRO A 205 -12.33 16.89 4.70
C PRO A 205 -11.08 16.03 4.81
N ILE A 206 -9.93 16.66 4.57
CA ILE A 206 -8.69 15.90 4.62
C ILE A 206 -8.33 15.58 6.07
N ASP A 207 -7.51 14.53 6.23
CA ASP A 207 -7.01 14.06 7.52
C ASP A 207 -6.48 15.19 8.41
N ASP A 208 -7.04 15.32 9.61
CA ASP A 208 -6.72 16.46 10.47
C ASP A 208 -5.29 16.39 10.99
N PHE A 209 -4.81 15.17 11.27
CA PHE A 209 -3.44 15.03 11.72
C PHE A 209 -2.47 15.62 10.70
N CYS A 210 -2.65 15.27 9.42
CA CYS A 210 -1.75 15.78 8.40
C CYS A 210 -1.78 17.29 8.33
N VAL A 211 -2.97 17.87 8.53
CA VAL A 211 -3.10 19.33 8.58
C VAL A 211 -2.21 19.90 9.68
N ARG A 212 -2.23 19.29 10.87
CA ARG A 212 -1.43 19.81 11.97
C ARG A 212 0.03 19.41 11.84
N ALA A 213 0.29 18.17 11.40
CA ALA A 213 1.66 17.73 11.23
C ALA A 213 2.42 18.57 10.20
N ALA A 214 1.75 19.02 9.14
CA ALA A 214 2.45 19.78 8.11
C ALA A 214 2.98 21.12 8.60
N SER A 215 2.61 21.55 9.81
CA SER A 215 3.20 22.76 10.36
C SER A 215 4.66 22.55 10.75
N ASP A 216 5.04 21.33 11.11
CA ASP A 216 6.41 21.01 11.55
C ASP A 216 7.12 20.22 10.46
N LEU A 217 7.97 20.90 9.70
CA LEU A 217 8.68 20.26 8.60
C LEU A 217 9.72 19.29 9.10
N THR A 218 10.31 19.58 10.26
CA THR A 218 11.25 18.65 10.88
C THR A 218 10.53 17.37 11.28
N PHE A 219 9.41 17.51 11.99
CA PHE A 219 8.63 16.33 12.37
C PHE A 219 8.23 15.51 11.15
N CYS A 220 7.85 16.17 10.06
CA CYS A 220 7.40 15.46 8.86
C CYS A 220 8.54 14.75 8.15
N LYS A 221 9.77 15.17 8.32
CA LYS A 221 10.84 14.45 7.67
C LYS A 221 11.16 13.15 8.33
N THR A 222 10.70 12.94 9.54
CA THR A 222 11.11 11.77 10.29
C THR A 222 10.01 10.84 10.74
N PHE A 223 8.78 11.25 10.60
CA PHE A 223 7.67 10.46 11.08
C PHE A 223 7.53 9.14 10.35
N PRO A 224 7.07 8.13 11.05
CA PRO A 224 6.87 6.84 10.41
C PRO A 224 5.65 6.86 9.52
N TRP A 225 5.78 7.47 8.37
CA TRP A 225 4.70 7.60 7.45
C TRP A 225 4.28 6.28 6.84
N GLY A 226 5.15 5.30 6.88
CA GLY A 226 4.78 3.99 6.42
C GLY A 226 3.79 3.31 7.30
N ARG A 227 3.98 3.45 8.59
CA ARG A 227 3.07 2.84 9.51
C ARG A 227 1.77 3.50 9.34
N TYR A 228 1.81 4.78 9.08
CA TYR A 228 0.58 5.53 8.92
C TYR A 228 -0.13 5.10 7.68
N SER A 229 0.62 4.98 6.61
CA SER A 229 0.05 4.57 5.37
C SER A 229 -0.44 3.19 5.51
N PHE A 230 0.31 2.39 6.22
CA PHE A 230 -0.07 1.00 6.37
C PHE A 230 -1.34 0.86 7.19
N GLU A 231 -1.41 1.54 8.33
CA GLU A 231 -2.60 1.47 9.16
C GLU A 231 -3.81 2.03 8.42
N TYR A 232 -3.59 3.01 7.55
CA TYR A 232 -4.67 3.48 6.70
C TYR A 232 -5.11 2.39 5.71
N MET A 233 -4.15 1.65 5.15
CA MET A 233 -4.50 0.58 4.21
C MET A 233 -5.31 -0.50 4.90
N LEU A 234 -4.97 -0.79 6.16
CA LEU A 234 -5.70 -1.78 6.92
C LEU A 234 -7.17 -1.39 7.06
N LYS A 235 -7.47 -0.09 7.17
CA LYS A 235 -8.87 0.31 7.26
C LYS A 235 -9.58 0.17 5.92
N SER A 236 -8.91 0.53 4.82
CA SER A 236 -9.55 0.34 3.52
C SER A 236 -9.77 -1.14 3.23
N ILE A 237 -8.85 -2.01 3.65
CA ILE A 237 -9.04 -3.43 3.45
C ILE A 237 -10.28 -3.91 4.21
N SER A 238 -10.44 -3.46 5.45
CA SER A 238 -11.57 -3.89 6.26
C SER A 238 -12.88 -3.34 5.70
N HIS A 239 -12.90 -2.06 5.35
CA HIS A 239 -14.06 -1.46 4.73
C HIS A 239 -14.46 -2.18 3.44
N THR A 240 -13.49 -2.47 2.57
CA THR A 240 -13.74 -3.24 1.36
C THR A 240 -14.40 -4.58 1.64
N LEU A 241 -13.80 -5.36 2.56
CA LEU A 241 -14.35 -6.66 2.90
C LEU A 241 -15.74 -6.52 3.52
N ASP A 242 -15.92 -5.51 4.36
CA ASP A 242 -17.26 -5.23 4.88
C ASP A 242 -18.25 -4.97 3.75
N HIS A 243 -17.85 -4.19 2.76
CA HIS A 243 -18.76 -3.79 1.69
C HIS A 243 -19.28 -4.99 0.92
N PHE A 244 -18.39 -5.88 0.49
CA PHE A 244 -18.85 -6.97 -0.38
C PHE A 244 -19.57 -8.09 0.36
N ASN A 245 -19.33 -8.23 1.67
CA ASN A 245 -20.05 -9.23 2.48
C ASN A 245 -20.10 -10.59 1.78
N GLY A 246 -19.01 -10.95 1.12
CA GLY A 246 -18.85 -12.27 0.53
C GLY A 246 -19.36 -12.42 -0.90
N VAL A 247 -19.92 -11.39 -1.49
CA VAL A 247 -20.45 -11.50 -2.85
C VAL A 247 -19.92 -10.34 -3.67
N VAL A 248 -19.38 -10.66 -4.85
CA VAL A 248 -18.93 -9.65 -5.80
C VAL A 248 -20.07 -9.38 -6.77
N PRO A 249 -20.61 -8.19 -6.81
CA PRO A 249 -21.70 -7.91 -7.76
C PRO A 249 -21.19 -7.81 -9.20
N ASN A 250 -22.12 -7.61 -10.12
CA ASN A 250 -21.84 -7.42 -11.55
C ASN A 250 -22.19 -5.96 -11.87
N THR A 251 -21.19 -5.09 -11.76
CA THR A 251 -21.39 -3.65 -11.88
C THR A 251 -20.20 -3.04 -12.60
N GLN A 252 -20.44 -1.96 -13.32
CA GLN A 252 -19.38 -1.15 -13.90
C GLN A 252 -18.94 -0.03 -12.97
N SER A 253 -19.55 0.07 -11.78
CA SER A 253 -19.28 1.15 -10.86
C SER A 253 -18.09 0.80 -10.01
N PRO A 254 -17.01 1.58 -10.03
CA PRO A 254 -15.77 1.15 -9.36
C PRO A 254 -15.86 1.23 -7.85
N TRP A 255 -15.10 0.33 -7.17
CA TRP A 255 -15.11 0.39 -5.72
C TRP A 255 -13.84 1.06 -5.23
N PRO A 256 -13.92 2.14 -4.45
CA PRO A 256 -12.69 2.83 -4.01
C PRO A 256 -11.95 2.12 -2.87
N VAL A 257 -10.64 2.03 -3.03
CA VAL A 257 -9.74 1.51 -2.00
C VAL A 257 -8.67 2.57 -1.74
N PRO A 258 -8.91 3.53 -0.85
CA PRO A 258 -7.98 4.67 -0.73
C PRO A 258 -6.72 4.35 0.05
N GLY A 259 -5.65 5.04 -0.30
CA GLY A 259 -4.41 4.99 0.44
C GLY A 259 -3.27 4.57 -0.43
N PHE A 260 -2.12 4.34 0.19
CA PHE A 260 -0.93 3.93 -0.55
C PHE A 260 -0.99 2.43 -0.81
N CYS A 261 -1.52 2.05 -1.98
CA CYS A 261 -1.75 0.63 -2.28
C CYS A 261 -0.63 0.00 -3.11
N VAL A 262 0.41 0.76 -3.45
CA VAL A 262 1.53 0.20 -4.22
C VAL A 262 2.05 -1.08 -3.58
N PRO A 263 2.30 -1.14 -2.27
CA PRO A 263 2.70 -2.44 -1.70
C PRO A 263 1.68 -3.53 -2.00
N LEU A 264 0.38 -3.26 -1.84
CA LEU A 264 -0.62 -4.27 -2.15
C LEU A 264 -0.65 -4.63 -3.64
N GLU A 265 -0.37 -3.67 -4.53
CA GLU A 265 -0.38 -3.96 -5.96
C GLU A 265 0.71 -4.95 -6.35
N PHE A 266 1.81 -4.93 -5.62
CA PHE A 266 2.96 -5.74 -5.98
C PHE A 266 3.06 -7.02 -5.19
N LEU A 267 2.38 -7.13 -4.05
CA LEU A 267 2.59 -8.26 -3.15
C LEU A 267 2.47 -9.60 -3.88
N ALA A 268 1.39 -9.78 -4.67
CA ALA A 268 1.19 -11.07 -5.33
C ALA A 268 2.34 -11.39 -6.29
N PHE A 269 2.90 -10.36 -6.93
CA PHE A 269 3.99 -10.56 -7.87
C PHE A 269 5.32 -10.87 -7.18
N GLU A 270 5.58 -10.24 -6.03
CA GLU A 270 6.76 -10.56 -5.25
C GLU A 270 6.65 -11.95 -4.62
N ALA A 271 5.44 -12.36 -4.27
CA ALA A 271 5.28 -13.63 -3.58
C ALA A 271 5.28 -14.82 -4.52
N ILE A 272 4.94 -14.62 -5.79
CA ILE A 272 4.56 -15.71 -6.68
C ILE A 272 5.40 -15.62 -7.95
N PRO A 273 6.43 -16.45 -8.09
CA PRO A 273 7.32 -16.34 -9.25
C PRO A 273 6.62 -16.49 -10.59
N SER A 274 5.53 -17.24 -10.67
CA SER A 274 4.84 -17.38 -11.95
C SER A 274 4.28 -16.05 -12.43
N LEU A 275 3.70 -15.26 -11.52
CA LEU A 275 3.23 -13.93 -11.88
C LEU A 275 4.39 -13.01 -12.19
N ARG A 276 5.45 -13.09 -11.40
CA ARG A 276 6.60 -12.23 -11.60
C ARG A 276 7.20 -12.43 -12.99
N GLU A 277 7.26 -13.68 -13.46
CA GLU A 277 7.88 -13.95 -14.75
C GLU A 277 7.06 -13.43 -15.92
N ARG A 278 5.73 -13.46 -15.82
CA ARG A 278 4.94 -12.98 -16.95
C ARG A 278 4.65 -11.48 -16.89
N PHE A 279 4.55 -10.86 -15.70
CA PHE A 279 4.05 -9.50 -15.63
C PHE A 279 5.04 -8.46 -15.10
N ILE A 280 6.24 -8.86 -14.67
CA ILE A 280 7.18 -7.97 -14.01
C ILE A 280 8.51 -7.97 -14.77
N GLU A 281 9.17 -6.81 -14.79
CA GLU A 281 10.50 -6.64 -15.38
C GLU A 281 11.36 -5.81 -14.44
N GLU A 282 12.66 -6.12 -14.40
CA GLU A 282 13.61 -5.35 -13.61
C GLU A 282 13.75 -3.93 -14.17
N LYS A 283 13.87 -2.94 -13.29
CA LYS A 283 13.95 -1.54 -13.68
C LYS A 283 15.40 -1.13 -13.86
N GLU A 284 15.76 -0.75 -15.08
CA GLU A 284 17.15 -0.51 -15.42
C GLU A 284 17.73 0.65 -14.62
N GLY A 285 18.88 0.40 -13.99
CA GLY A 285 19.60 1.42 -13.26
C GLY A 285 19.05 1.75 -11.90
N SER A 286 18.08 0.98 -11.42
CA SER A 286 17.63 1.15 -10.05
C SER A 286 18.78 0.87 -9.09
N HIS A 287 18.72 1.49 -7.92
CA HIS A 287 19.66 1.19 -6.85
C HIS A 287 19.20 -0.04 -6.08
N ALA A 288 20.17 -0.85 -5.65
CA ALA A 288 19.90 -2.14 -5.03
C ALA A 288 19.50 -2.04 -3.55
N GLY A 289 19.75 -0.90 -2.91
CA GLY A 289 19.34 -0.59 -1.56
C GLY A 289 17.97 0.03 -1.45
N CYS A 290 17.34 0.35 -2.58
CA CYS A 290 15.96 0.82 -2.58
C CYS A 290 15.00 -0.32 -2.26
N PRO A 291 13.77 0.01 -1.82
CA PRO A 291 12.73 -1.02 -1.68
C PRO A 291 12.36 -1.68 -3.00
N ARG A 292 11.37 -2.58 -2.94
CA ARG A 292 11.06 -3.33 -4.15
C ARG A 292 10.39 -2.48 -5.21
N MET A 293 9.60 -1.46 -4.83
CA MET A 293 8.87 -0.74 -5.87
C MET A 293 9.79 0.06 -6.77
N CYS A 294 10.99 0.42 -6.30
CA CYS A 294 11.94 1.14 -7.13
C CYS A 294 12.66 0.24 -8.14
N LYS A 295 12.70 -1.06 -7.90
CA LYS A 295 13.59 -1.93 -8.65
C LYS A 295 12.85 -2.84 -9.63
N VAL A 296 11.53 -2.81 -9.66
CA VAL A 296 10.76 -3.56 -10.64
C VAL A 296 9.75 -2.64 -11.28
N SER A 297 9.20 -3.08 -12.40
CA SER A 297 8.15 -2.37 -13.11
C SER A 297 7.13 -3.37 -13.65
N PHE A 298 5.88 -2.92 -13.85
CA PHE A 298 4.90 -3.76 -14.52
C PHE A 298 5.16 -3.76 -16.02
N LYS A 299 5.11 -4.94 -16.64
CA LYS A 299 5.15 -4.99 -18.09
C LYS A 299 3.92 -4.30 -18.70
N ARG A 300 4.15 -3.60 -19.80
CA ARG A 300 3.08 -3.17 -20.68
C ARG A 300 2.22 -4.36 -21.08
N THR A 301 0.90 -4.20 -20.99
CA THR A 301 -0.04 -5.22 -21.41
C THR A 301 -0.98 -4.68 -22.48
N GLU A 302 -1.92 -5.53 -22.89
CA GLU A 302 -2.96 -5.13 -23.82
C GLU A 302 -3.84 -4.02 -23.27
N MET A 303 -4.09 -4.02 -21.96
CA MET A 303 -4.97 -3.06 -21.35
C MET A 303 -4.18 -2.11 -20.43
N LYS A 304 -4.92 -1.13 -19.90
CA LYS A 304 -4.34 -0.18 -18.97
C LYS A 304 -3.86 -0.86 -17.68
N GLY A 305 -4.51 -1.95 -17.31
CA GLY A 305 -4.00 -2.87 -16.32
C GLY A 305 -4.25 -4.30 -16.78
N PHE A 306 -3.71 -5.24 -16.02
CA PHE A 306 -3.94 -6.66 -16.27
C PHE A 306 -5.39 -7.02 -16.04
N THR A 307 -5.95 -7.87 -16.89
CA THR A 307 -7.26 -8.41 -16.58
C THR A 307 -7.14 -9.46 -15.49
N LEU A 308 -8.21 -9.59 -14.68
CA LEU A 308 -8.26 -10.66 -13.70
C LEU A 308 -8.11 -12.05 -14.34
N GLU A 309 -8.63 -12.24 -15.55
CA GLU A 309 -8.46 -13.51 -16.25
C GLU A 309 -6.99 -13.83 -16.48
N GLN A 310 -6.18 -12.83 -16.85
CA GLN A 310 -4.75 -13.05 -17.07
C GLN A 310 -4.06 -13.52 -15.80
N ILE A 311 -4.36 -12.86 -14.67
CA ILE A 311 -3.79 -13.27 -13.39
C ILE A 311 -4.18 -14.71 -13.08
N ASN A 312 -5.48 -15.02 -13.16
CA ASN A 312 -5.97 -16.36 -12.85
C ASN A 312 -5.33 -17.40 -13.75
N HIS A 313 -5.14 -17.06 -15.03
CA HIS A 313 -4.56 -18.03 -15.94
C HIS A 313 -3.09 -18.28 -15.62
N VAL A 314 -2.35 -17.22 -15.29
CA VAL A 314 -0.92 -17.40 -15.03
C VAL A 314 -0.71 -18.07 -13.68
N LEU A 315 -1.58 -17.81 -12.70
CA LEU A 315 -1.53 -18.59 -11.47
C LEU A 315 -1.49 -20.08 -11.77
N GLY A 316 -2.31 -20.53 -12.73
CA GLY A 316 -2.16 -21.88 -13.25
C GLY A 316 -2.31 -22.91 -12.15
N THR A 317 -1.37 -23.85 -12.11
CA THR A 317 -1.32 -24.83 -11.03
C THR A 317 -0.10 -24.62 -10.15
N THR A 318 0.41 -23.41 -10.07
CA THR A 318 1.72 -23.22 -9.47
C THR A 318 1.67 -23.50 -7.96
N GLU A 319 2.73 -24.12 -7.47
CA GLU A 319 2.89 -24.38 -6.05
C GLU A 319 4.03 -23.58 -5.43
N VAL A 320 4.73 -22.77 -6.23
CA VAL A 320 5.88 -21.99 -5.77
C VAL A 320 5.36 -20.61 -5.37
N ILE A 321 5.11 -20.44 -4.07
CA ILE A 321 4.51 -19.25 -3.48
C ILE A 321 5.15 -19.01 -2.12
N GLU A 322 5.64 -17.80 -1.88
CA GLU A 322 6.21 -17.43 -0.60
C GLU A 322 5.13 -16.96 0.37
N SER A 323 5.16 -17.47 1.61
CA SER A 323 4.25 -16.95 2.62
C SER A 323 4.68 -15.57 3.10
N ILE A 324 5.91 -15.47 3.58
CA ILE A 324 6.53 -14.19 3.94
C ILE A 324 7.64 -13.96 2.93
N ILE A 325 7.60 -12.81 2.27
CA ILE A 325 8.53 -12.56 1.16
C ILE A 325 9.93 -12.30 1.72
N ARG A 326 10.89 -13.10 1.30
CA ARG A 326 12.21 -13.06 1.92
C ARG A 326 13.02 -11.88 1.37
N GLU A 327 13.69 -11.17 2.28
CA GLU A 327 14.58 -10.10 1.86
C GLU A 327 15.85 -10.66 1.23
N LYS A 328 16.32 -10.01 0.16
CA LYS A 328 17.66 -10.26 -0.33
C LYS A 328 18.68 -9.59 0.59
N ALA A 329 19.96 -9.94 0.41
CA ALA A 329 20.99 -9.39 1.27
C ALA A 329 21.12 -7.88 1.10
N GLU A 330 21.05 -7.39 -0.15
CA GLU A 330 21.14 -5.96 -0.43
C GLU A 330 20.05 -5.15 0.28
N GLU A 331 18.98 -5.80 0.73
CA GLU A 331 17.84 -5.14 1.35
C GLU A 331 17.88 -5.15 2.87
N VAL A 332 18.85 -5.88 3.45
CA VAL A 332 18.94 -5.96 4.91
C VAL A 332 19.22 -4.61 5.55
N PRO A 333 20.10 -3.75 5.03
CA PRO A 333 20.29 -2.46 5.70
C PRO A 333 19.04 -1.61 5.62
N LEU A 334 18.37 -1.57 4.48
CA LEU A 334 17.08 -0.89 4.37
C LEU A 334 16.18 -1.26 5.55
N LEU A 335 15.87 -2.54 5.71
CA LEU A 335 14.90 -2.96 6.73
C LEU A 335 15.38 -2.59 8.12
N ALA A 336 16.68 -2.71 8.38
CA ALA A 336 17.21 -2.28 9.67
C ALA A 336 16.93 -0.81 9.93
N GLU A 337 16.83 0.00 8.88
CA GLU A 337 16.63 1.45 9.02
C GLU A 337 15.16 1.85 9.08
N ILE A 338 14.26 1.16 8.38
CA ILE A 338 12.87 1.60 8.28
C ILE A 338 11.91 0.76 9.10
N THR A 339 12.33 -0.40 9.61
CA THR A 339 11.44 -1.23 10.39
C THR A 339 11.92 -1.25 11.83
N GLY A 340 10.97 -1.42 12.74
CA GLY A 340 11.34 -1.69 14.11
C GLY A 340 11.67 -3.14 14.32
N VAL A 341 12.40 -3.38 15.39
CA VAL A 341 12.70 -4.74 15.76
C VAL A 341 11.62 -5.03 16.76
N GLU A 342 10.74 -4.05 16.94
CA GLU A 342 9.64 -4.22 17.86
C GLU A 342 8.44 -4.93 17.29
N ASP A 343 8.49 -6.24 17.08
CA ASP A 343 7.28 -6.89 16.61
C ASP A 343 6.25 -6.51 17.64
N ASP A 344 5.12 -5.99 17.19
CA ASP A 344 4.15 -5.45 18.13
C ASP A 344 3.08 -6.39 18.65
N VAL A 345 2.21 -5.88 19.51
CA VAL A 345 1.18 -6.72 20.13
C VAL A 345 -0.16 -6.71 19.46
N ASP A 346 -0.66 -7.88 19.12
CA ASP A 346 -1.93 -8.00 18.43
C ASP A 346 -2.78 -9.03 19.16
N LYS A 347 -4.03 -9.19 18.73
CA LYS A 347 -4.92 -10.16 19.35
C LYS A 347 -4.39 -11.58 19.19
N HIS A 348 -4.77 -12.43 20.13
CA HIS A 348 -4.26 -13.79 20.17
C HIS A 348 -4.87 -14.61 19.04
N ASP A 349 -4.00 -15.26 18.26
CA ASP A 349 -4.42 -15.92 17.03
C ASP A 349 -3.82 -17.31 16.98
N VAL A 350 -4.59 -18.32 17.38
CA VAL A 350 -4.07 -19.69 17.39
C VAL A 350 -3.70 -20.13 15.98
N VAL A 351 -4.46 -19.69 14.97
CA VAL A 351 -4.20 -20.13 13.61
C VAL A 351 -2.95 -19.44 13.06
N VAL A 352 -2.86 -18.11 13.22
CA VAL A 352 -1.70 -17.41 12.65
C VAL A 352 -0.45 -17.75 13.44
N ASP A 353 -0.58 -17.99 14.75
CA ASP A 353 0.57 -18.43 15.54
C ASP A 353 1.08 -19.77 15.02
N SER A 354 0.17 -20.69 14.66
CA SER A 354 0.63 -21.98 14.16
C SER A 354 1.27 -21.85 12.78
N TRP A 355 0.91 -20.83 12.02
CA TRP A 355 1.60 -20.57 10.76
C TRP A 355 3.00 -20.03 11.02
N MET A 356 3.09 -19.00 11.86
CA MET A 356 4.38 -18.42 12.21
C MET A 356 5.31 -19.47 12.81
N LYS A 357 4.77 -20.40 13.59
CA LYS A 357 5.61 -21.42 14.20
C LYS A 357 6.22 -22.35 13.15
N ARG A 358 5.43 -22.75 12.15
CA ARG A 358 5.94 -23.67 11.13
C ARG A 358 6.87 -22.95 10.17
N LEU A 359 6.54 -21.72 9.78
CA LEU A 359 7.44 -20.97 8.93
C LEU A 359 8.74 -20.67 9.65
N GLY A 360 8.68 -20.44 10.97
CA GLY A 360 9.86 -20.13 11.77
C GLY A 360 10.88 -21.24 11.80
N GLN A 361 10.49 -22.43 11.38
CA GLN A 361 11.37 -23.56 11.42
C GLN A 361 11.78 -24.00 10.06
N GLY A 362 11.52 -23.18 9.08
CA GLY A 362 11.94 -23.48 7.73
C GLY A 362 11.02 -24.30 6.91
N ARG A 363 9.81 -24.47 7.38
CA ARG A 363 8.86 -25.26 6.67
C ARG A 363 7.78 -24.45 6.03
N GLU A 364 7.36 -24.88 4.85
CA GLU A 364 6.32 -24.21 4.12
C GLU A 364 4.92 -24.68 4.46
N ILE A 365 3.92 -23.88 4.14
CA ILE A 365 2.56 -24.22 4.42
C ILE A 365 1.78 -24.39 3.12
N ARG A 366 0.78 -25.27 3.14
CA ARG A 366 0.00 -25.57 1.93
C ARG A 366 -1.20 -26.40 2.34
N PHE A 367 -2.40 -25.81 2.29
CA PHE A 367 -3.62 -26.57 2.54
C PHE A 367 -4.12 -27.12 1.20
N GLU A 368 -3.96 -28.42 0.99
CA GLU A 368 -4.08 -28.94 -0.38
C GLU A 368 -5.54 -28.97 -0.87
N GLU A 369 -6.51 -29.14 0.03
CA GLU A 369 -7.90 -29.04 -0.42
C GLU A 369 -8.17 -27.64 -0.96
N VAL A 370 -7.64 -26.62 -0.28
CA VAL A 370 -7.80 -25.25 -0.74
C VAL A 370 -7.06 -25.04 -2.05
N TYR A 371 -5.93 -25.73 -2.24
CA TYR A 371 -5.21 -25.59 -3.50
C TYR A 371 -6.01 -26.15 -4.68
N ASN A 372 -6.64 -27.33 -4.50
CA ASN A 372 -7.46 -27.93 -5.55
C ASN A 372 -8.73 -27.12 -5.82
N GLU A 373 -9.30 -26.53 -4.76
CA GLU A 373 -10.42 -25.61 -4.91
C GLU A 373 -10.05 -24.40 -5.75
N ASP A 374 -8.93 -23.74 -5.41
CA ASP A 374 -8.45 -22.59 -6.18
C ASP A 374 -8.22 -22.99 -7.64
N VAL A 375 -7.51 -24.09 -7.86
CA VAL A 375 -7.25 -24.53 -9.24
C VAL A 375 -8.56 -24.81 -9.98
N HIS A 376 -9.51 -25.48 -9.31
CA HIS A 376 -10.78 -25.77 -9.97
C HIS A 376 -11.55 -24.50 -10.30
N ALA A 377 -11.57 -23.53 -9.39
CA ALA A 377 -12.36 -22.33 -9.57
C ALA A 377 -11.82 -21.43 -10.68
N ARG A 378 -10.51 -21.45 -10.94
CA ARG A 378 -9.94 -20.64 -12.01
C ARG A 378 -9.79 -21.40 -13.33
N MET A 379 -9.27 -22.63 -13.28
CA MET A 379 -8.74 -23.28 -14.48
C MET A 379 -9.70 -24.25 -15.16
N GLU A 380 -10.85 -24.56 -14.54
CA GLU A 380 -11.67 -25.64 -15.06
C GLU A 380 -13.15 -25.27 -15.13
N ALA A 381 -13.69 -24.75 -14.02
CA ALA A 381 -15.11 -24.41 -13.90
C ALA A 381 -15.58 -23.42 -14.97
#